data_7PUX
#
_entry.id   7PUX
#
_cell.length_a   146.234
_cell.length_b   146.234
_cell.length_c   84.397
_cell.angle_alpha   90.000
_cell.angle_beta   90.000
_cell.angle_gamma   120.000
#
_symmetry.space_group_name_H-M   'P 6 2 2'
#
loop_
_entity.id
_entity.type
_entity.pdbx_description
1 polymer 'Transitional endoplasmic reticulum ATPase'
2 non-polymer "ADENOSINE-5'-DIPHOSPHATE"
3 non-polymer 'FORMIC ACID'
4 non-polymer (1S)-2-amino-1-(4-bromophenyl)ethan-1-ol
5 non-polymer DI(HYDROXYETHYL)ETHER
6 non-polymer 'SODIUM ION'
7 water water
#
_entity_poly.entity_id   1
_entity_poly.type   'polypeptide(L)'
_entity_poly.pdbx_seq_one_letter_code
;MASGADSKGDDLSTAILKQKNRPNRLIVDEAINEDNSVVSLSQPKMDELQLFRGDTVLLKGKKRREAVCIVLSDDTCSDE
KIRMNRVVRNNLRVRLGDVISIQPCPDVKYGKRIHVLPIDDTVEGITGNLFEVYLKPYFLEAYRPIRKGDIFLVRGGMRA
VEFKVVETDPSPYCIVAPDTVIHCEGEPIKREDEEESWNEVGYDDIGGCRKQLAQIKEMVELPLRHPALFKAIGVKPPRG
ILLYGPPGTGKTLIARAVANETGAFFFLINGPEIMSKLAGESESNLRKAFEEAEKNAPAIIFIDELDAIAPKREKTHGEV
ERRIVSQLLTLMDGLKQRAHVIVMAATNRPNSIDPALRRFGRFDREVDIGIPDATGRLEILQIHTKNMKLADDVDLEQVA
NETHGHVGADLAALCSEAALQAIRKKMDLIDLEDETIDAEVMNSLAVTMDDFRWALSQSNRSHHHHHH
;
_entity_poly.pdbx_strand_id   A
#
# COMPACT_ATOMS: atom_id res chain seq x y z
N ALA A 15 12.13 -39.13 17.04
CA ALA A 15 12.42 -40.15 16.03
C ALA A 15 12.38 -39.57 14.63
N ILE A 16 11.42 -38.68 14.36
CA ILE A 16 11.25 -38.09 13.05
C ILE A 16 11.15 -36.57 13.18
N LEU A 17 12.28 -35.89 13.34
CA LEU A 17 12.24 -34.47 13.67
C LEU A 17 13.33 -33.75 12.87
N LYS A 18 13.69 -32.54 13.33
CA LYS A 18 14.66 -31.67 12.66
C LYS A 18 14.72 -30.31 13.35
N GLN A 19 15.70 -29.47 13.01
CA GLN A 19 15.95 -28.22 13.70
C GLN A 19 14.74 -27.29 13.64
N LYS A 20 14.59 -26.48 14.70
CA LYS A 20 13.46 -25.56 14.84
C LYS A 20 13.84 -24.10 14.73
N ASN A 21 14.97 -23.68 15.26
CA ASN A 21 15.42 -22.28 15.15
C ASN A 21 16.39 -22.15 13.98
N ARG A 22 15.84 -22.21 12.79
CA ARG A 22 16.67 -22.35 11.60
C ARG A 22 17.23 -21.00 11.16
N PRO A 23 18.48 -20.97 10.69
CA PRO A 23 19.10 -19.69 10.31
C PRO A 23 18.52 -19.09 9.04
N ASN A 24 17.75 -19.86 8.26
CA ASN A 24 17.17 -19.35 7.02
C ASN A 24 15.71 -18.97 7.18
N ARG A 25 15.24 -18.82 8.42
CA ARG A 25 13.94 -18.25 8.70
C ARG A 25 14.12 -16.76 9.00
N LEU A 26 13.44 -15.91 8.23
CA LEU A 26 13.63 -14.47 8.32
C LEU A 26 12.28 -13.77 8.43
N ILE A 27 12.29 -12.64 9.15
CA ILE A 27 11.09 -11.85 9.32
C ILE A 27 10.94 -10.91 8.14
N VAL A 28 9.73 -10.86 7.57
CA VAL A 28 9.46 -10.06 6.39
C VAL A 28 9.41 -8.58 6.77
N ASP A 29 10.14 -7.76 6.01
CA ASP A 29 10.27 -6.32 6.26
C ASP A 29 10.08 -5.60 4.93
N GLU A 30 9.96 -4.28 5.01
CA GLU A 30 9.59 -3.49 3.82
C GLU A 30 10.75 -3.38 2.85
N ALA A 31 10.41 -3.23 1.57
CA ALA A 31 11.40 -3.04 0.53
C ALA A 31 12.02 -1.64 0.59
N ILE A 32 13.32 -1.57 0.32
CA ILE A 32 13.96 -0.31 -0.05
C ILE A 32 14.10 -0.21 -1.57
N ASN A 33 14.40 -1.33 -2.20
CA ASN A 33 14.39 -1.48 -3.65
C ASN A 33 13.03 -2.06 -4.04
N GLU A 34 12.18 -1.25 -4.67
CA GLU A 34 10.80 -1.62 -4.91
C GLU A 34 10.61 -2.54 -6.12
N ASP A 35 11.68 -3.12 -6.65
CA ASP A 35 11.60 -3.96 -7.84
C ASP A 35 11.06 -5.34 -7.50
N ASN A 36 10.19 -5.85 -8.37
CA ASN A 36 9.50 -7.11 -8.10
C ASN A 36 10.43 -8.31 -7.97
N SER A 37 11.62 -8.25 -8.54
CA SER A 37 12.48 -9.43 -8.60
C SER A 37 13.51 -9.50 -7.48
N VAL A 38 13.56 -8.50 -6.61
CA VAL A 38 14.68 -8.34 -5.70
C VAL A 38 14.24 -8.51 -4.26
N VAL A 39 15.07 -9.21 -3.47
CA VAL A 39 14.98 -9.22 -2.02
C VAL A 39 16.35 -8.88 -1.47
N SER A 40 16.37 -8.30 -0.27
CA SER A 40 17.60 -7.84 0.35
C SER A 40 17.79 -8.51 1.71
N LEU A 41 19.04 -8.88 1.99
CA LEU A 41 19.44 -9.43 3.27
C LEU A 41 20.60 -8.59 3.80
N SER A 42 20.94 -8.77 5.08
CA SER A 42 22.17 -8.17 5.57
C SER A 42 23.36 -8.99 5.08
N GLN A 43 24.53 -8.38 5.07
CA GLN A 43 25.71 -9.08 4.58
C GLN A 43 26.07 -10.23 5.51
N PRO A 44 26.01 -10.07 6.84
CA PRO A 44 26.30 -11.21 7.71
C PRO A 44 25.36 -12.38 7.49
N LYS A 45 24.07 -12.13 7.28
CA LYS A 45 23.14 -13.22 6.99
C LYS A 45 23.48 -13.90 5.68
N MET A 46 23.86 -13.13 4.65
CA MET A 46 24.23 -13.75 3.38
C MET A 46 25.46 -14.63 3.55
N ASP A 47 26.44 -14.17 4.33
CA ASP A 47 27.61 -15.00 4.62
C ASP A 47 27.19 -16.28 5.34
N GLU A 48 26.33 -16.15 6.35
CA GLU A 48 25.90 -17.32 7.11
C GLU A 48 25.23 -18.34 6.20
N LEU A 49 24.45 -17.89 5.24
CA LEU A 49 23.74 -18.77 4.31
C LEU A 49 24.52 -19.04 3.04
N GLN A 50 25.73 -18.47 2.90
CA GLN A 50 26.57 -18.69 1.73
C GLN A 50 25.87 -18.25 0.45
N LEU A 51 25.26 -17.07 0.51
CA LEU A 51 24.62 -16.44 -0.63
C LEU A 51 25.44 -15.24 -1.11
N PHE A 52 25.41 -14.99 -2.42
CA PHE A 52 26.18 -13.90 -2.99
C PHE A 52 25.28 -12.99 -3.80
N ARG A 53 25.70 -11.73 -3.89
CA ARG A 53 24.96 -10.71 -4.64
C ARG A 53 24.61 -11.23 -6.03
N GLY A 54 23.34 -11.14 -6.38
CA GLY A 54 22.86 -11.58 -7.67
C GLY A 54 22.41 -13.02 -7.73
N ASP A 55 22.71 -13.81 -6.69
CA ASP A 55 22.26 -15.20 -6.67
C ASP A 55 20.74 -15.28 -6.77
N THR A 56 20.25 -16.32 -7.44
CA THR A 56 18.82 -16.62 -7.44
CA THR A 56 18.82 -16.62 -7.44
C THR A 56 18.49 -17.41 -6.19
N VAL A 57 17.42 -17.03 -5.50
CA VAL A 57 17.01 -17.69 -4.27
C VAL A 57 15.56 -18.14 -4.36
N LEU A 58 15.25 -19.22 -3.67
CA LEU A 58 13.90 -19.74 -3.55
C LEU A 58 13.36 -19.37 -2.18
N LEU A 59 12.23 -18.67 -2.16
CA LEU A 59 11.58 -18.22 -0.94
C LEU A 59 10.33 -19.05 -0.73
N LYS A 60 10.06 -19.42 0.53
CA LYS A 60 8.88 -20.19 0.88
C LYS A 60 8.07 -19.41 1.90
N GLY A 61 6.78 -19.27 1.63
CA GLY A 61 5.89 -18.51 2.49
C GLY A 61 4.77 -19.34 3.05
N LYS A 62 3.58 -18.76 3.15
CA LYS A 62 2.43 -19.46 3.70
C LYS A 62 1.65 -20.16 2.60
N LYS A 63 0.79 -21.10 3.02
CA LYS A 63 -0.08 -21.82 2.09
C LYS A 63 0.72 -22.50 1.00
N ARG A 64 1.94 -22.91 1.34
CA ARG A 64 2.81 -23.65 0.44
CA ARG A 64 2.84 -23.65 0.44
C ARG A 64 3.13 -22.86 -0.83
N ARG A 65 3.15 -21.54 -0.71
CA ARG A 65 3.53 -20.68 -1.83
C ARG A 65 5.04 -20.52 -1.89
N GLU A 66 5.54 -20.31 -3.10
CA GLU A 66 6.96 -20.10 -3.33
C GLU A 66 7.16 -18.94 -4.29
N ALA A 67 8.33 -18.33 -4.21
CA ALA A 67 8.76 -17.30 -5.15
C ALA A 67 10.24 -17.47 -5.42
N VAL A 68 10.68 -17.00 -6.59
CA VAL A 68 12.10 -16.98 -6.94
C VAL A 68 12.51 -15.53 -7.17
N CYS A 69 13.62 -15.14 -6.52
CA CYS A 69 14.07 -13.76 -6.57
C CYS A 69 15.58 -13.72 -6.70
N ILE A 70 16.09 -12.51 -6.94
CA ILE A 70 17.51 -12.20 -6.89
C ILE A 70 17.77 -11.56 -5.54
N VAL A 71 18.81 -12.02 -4.84
CA VAL A 71 19.13 -11.50 -3.52
C VAL A 71 20.26 -10.48 -3.64
N LEU A 72 20.09 -9.35 -2.95
CA LEU A 72 21.11 -8.32 -2.86
C LEU A 72 21.37 -8.02 -1.39
N SER A 73 22.52 -7.43 -1.12
CA SER A 73 22.87 -7.04 0.24
C SER A 73 22.38 -5.62 0.51
N ASP A 74 22.05 -5.36 1.78
CA ASP A 74 21.54 -4.07 2.22
C ASP A 74 22.08 -3.78 3.60
N ASP A 75 22.77 -2.65 3.75
CA ASP A 75 23.48 -2.32 4.99
C ASP A 75 22.56 -1.79 6.08
N THR A 76 21.25 -1.69 5.82
CA THR A 76 20.30 -1.30 6.85
C THR A 76 19.38 -2.44 7.28
N CYS A 77 19.46 -3.59 6.61
CA CYS A 77 18.63 -4.73 6.96
C CYS A 77 19.14 -5.40 8.23
N SER A 78 18.25 -5.60 9.19
CA SER A 78 18.60 -6.39 10.37
C SER A 78 18.92 -7.81 9.95
N ASP A 79 19.82 -8.45 10.69
CA ASP A 79 20.29 -9.78 10.28
C ASP A 79 19.13 -10.77 10.18
N GLU A 80 18.12 -10.64 11.02
CA GLU A 80 17.04 -11.62 11.10
C GLU A 80 15.88 -11.30 10.16
N LYS A 81 16.02 -10.30 9.29
CA LYS A 81 14.92 -9.86 8.46
C LYS A 81 15.29 -9.93 6.98
N ILE A 82 14.26 -9.88 6.14
CA ILE A 82 14.39 -9.86 4.69
C ILE A 82 13.49 -8.75 4.17
N ARG A 83 14.03 -7.88 3.34
CA ARG A 83 13.25 -6.83 2.70
C ARG A 83 12.68 -7.35 1.38
N MET A 84 11.37 -7.21 1.18
CA MET A 84 10.73 -7.63 -0.06
C MET A 84 9.52 -6.75 -0.32
N ASN A 85 9.24 -6.50 -1.61
CA ASN A 85 8.19 -5.56 -1.98
C ASN A 85 6.83 -6.24 -1.88
N ARG A 86 5.77 -5.43 -2.02
CA ARG A 86 4.44 -5.95 -1.75
CA ARG A 86 4.40 -5.91 -1.78
C ARG A 86 4.00 -6.97 -2.78
N VAL A 87 4.55 -6.94 -3.99
CA VAL A 87 4.23 -7.95 -5.00
C VAL A 87 4.73 -9.32 -4.55
N VAL A 88 5.98 -9.39 -4.07
CA VAL A 88 6.50 -10.67 -3.62
C VAL A 88 5.77 -11.15 -2.38
N ARG A 89 5.44 -10.24 -1.46
CA ARG A 89 4.73 -10.65 -0.26
C ARG A 89 3.40 -11.30 -0.60
N ASN A 90 2.63 -10.70 -1.53
CA ASN A 90 1.35 -11.31 -1.92
C ASN A 90 1.57 -12.67 -2.56
N ASN A 91 2.59 -12.80 -3.42
CA ASN A 91 2.86 -14.09 -4.06
C ASN A 91 3.23 -15.16 -3.04
N LEU A 92 3.83 -14.77 -1.92
CA LEU A 92 4.18 -15.66 -0.84
C LEU A 92 3.09 -15.75 0.23
N ARG A 93 2.03 -14.97 0.10
CA ARG A 93 0.91 -14.94 1.05
C ARG A 93 1.39 -14.61 2.47
N VAL A 94 2.29 -13.65 2.58
CA VAL A 94 2.77 -13.20 3.88
C VAL A 94 2.51 -11.70 4.01
N ARG A 95 2.48 -11.24 5.25
CA ARG A 95 2.41 -9.83 5.58
C ARG A 95 3.73 -9.41 6.22
N LEU A 96 3.95 -8.10 6.30
CA LEU A 96 5.06 -7.60 7.09
C LEU A 96 4.98 -8.17 8.50
N GLY A 97 6.10 -8.72 8.97
CA GLY A 97 6.16 -9.31 10.28
C GLY A 97 5.99 -10.82 10.30
N ASP A 98 5.52 -11.42 9.20
CA ASP A 98 5.48 -12.87 9.10
C ASP A 98 6.89 -13.41 8.84
N VAL A 99 7.00 -14.73 8.82
CA VAL A 99 8.30 -15.39 8.65
C VAL A 99 8.27 -16.18 7.35
N ILE A 100 9.38 -16.10 6.60
CA ILE A 100 9.58 -16.93 5.43
C ILE A 100 10.87 -17.72 5.63
N SER A 101 11.10 -18.67 4.73
CA SER A 101 12.38 -19.35 4.65
C SER A 101 12.97 -19.09 3.26
N ILE A 102 14.30 -19.10 3.21
CA ILE A 102 15.03 -18.78 1.99
C ILE A 102 16.11 -19.85 1.81
N GLN A 103 16.34 -20.25 0.57
CA GLN A 103 17.43 -21.16 0.28
C GLN A 103 17.99 -20.85 -1.09
N PRO A 104 19.24 -21.25 -1.37
CA PRO A 104 19.81 -21.01 -2.69
C PRO A 104 19.03 -21.77 -3.75
N CYS A 105 19.00 -21.19 -4.96
CA CYS A 105 18.30 -21.79 -6.10
C CYS A 105 19.23 -21.71 -7.30
N PRO A 106 20.33 -22.48 -7.28
CA PRO A 106 21.33 -22.33 -8.35
C PRO A 106 20.90 -22.93 -9.69
N ASP A 107 19.91 -23.82 -9.71
CA ASP A 107 19.58 -24.60 -10.90
C ASP A 107 18.49 -23.97 -11.75
N VAL A 108 18.38 -22.65 -11.76
CA VAL A 108 17.38 -21.98 -12.59
C VAL A 108 17.93 -21.83 -14.00
N LYS A 109 17.13 -22.24 -14.98
CA LYS A 109 17.53 -22.23 -16.38
C LYS A 109 16.88 -21.06 -17.12
N TYR A 110 17.55 -20.60 -18.18
CA TYR A 110 16.92 -19.67 -19.11
C TYR A 110 15.65 -20.28 -19.68
N GLY A 111 14.58 -19.50 -19.69
CA GLY A 111 13.30 -20.03 -20.14
C GLY A 111 13.23 -20.16 -21.65
N LYS A 112 12.65 -21.28 -22.10
CA LYS A 112 12.34 -21.43 -23.53
C LYS A 112 11.08 -20.66 -23.88
N ARG A 113 10.03 -20.80 -23.08
CA ARG A 113 8.77 -20.12 -23.32
CA ARG A 113 8.73 -20.20 -23.33
C ARG A 113 8.05 -19.94 -22.00
N ILE A 114 7.27 -18.86 -21.92
CA ILE A 114 6.40 -18.63 -20.77
C ILE A 114 5.03 -18.21 -21.29
N HIS A 115 4.00 -18.46 -20.48
CA HIS A 115 2.65 -18.00 -20.78
C HIS A 115 2.21 -17.03 -19.69
N VAL A 116 1.80 -15.84 -20.07
CA VAL A 116 1.28 -14.87 -19.12
C VAL A 116 -0.08 -14.37 -19.61
N LEU A 117 -0.93 -14.00 -18.65
CA LEU A 117 -2.26 -13.46 -18.92
C LEU A 117 -2.50 -12.22 -18.09
N PRO A 118 -3.19 -11.23 -18.63
CA PRO A 118 -3.50 -10.02 -17.85
C PRO A 118 -4.60 -10.29 -16.84
N ILE A 119 -4.59 -9.53 -15.75
CA ILE A 119 -5.70 -9.56 -14.79
C ILE A 119 -6.74 -8.54 -15.24
N ASP A 120 -7.98 -8.99 -15.39
CA ASP A 120 -8.98 -8.30 -16.19
C ASP A 120 -9.17 -6.85 -15.75
N ASP A 121 -9.43 -6.63 -14.46
CA ASP A 121 -9.75 -5.29 -14.01
C ASP A 121 -8.60 -4.32 -14.26
N THR A 122 -7.37 -4.82 -14.26
CA THR A 122 -6.21 -3.94 -14.35
C THR A 122 -5.91 -3.49 -15.77
N VAL A 123 -6.57 -4.06 -16.79
CA VAL A 123 -6.38 -3.61 -18.16
C VAL A 123 -7.65 -3.03 -18.75
N GLU A 124 -8.68 -2.81 -17.92
CA GLU A 124 -9.91 -2.21 -18.43
C GLU A 124 -9.65 -0.77 -18.88
N GLY A 125 -10.19 -0.42 -20.03
CA GLY A 125 -10.02 0.92 -20.57
C GLY A 125 -8.70 1.16 -21.27
N ILE A 126 -7.83 0.18 -21.27
CA ILE A 126 -6.64 0.17 -22.12
C ILE A 126 -7.00 -0.54 -23.42
N THR A 127 -6.47 -0.05 -24.53
CA THR A 127 -6.52 -0.82 -25.78
C THR A 127 -5.17 -0.72 -26.46
N GLY A 128 -4.87 -1.71 -27.27
CA GLY A 128 -3.61 -1.79 -27.96
C GLY A 128 -2.78 -2.96 -27.48
N ASN A 129 -1.54 -2.99 -27.96
CA ASN A 129 -0.65 -4.13 -27.70
C ASN A 129 -0.05 -3.98 -26.31
N LEU A 130 -0.60 -4.74 -25.36
CA LEU A 130 -0.06 -4.72 -24.01
C LEU A 130 1.31 -5.36 -23.94
N PHE A 131 1.50 -6.48 -24.65
CA PHE A 131 2.81 -7.12 -24.67
C PHE A 131 3.91 -6.12 -24.99
N GLU A 132 3.81 -5.48 -26.15
CA GLU A 132 4.84 -4.54 -26.58
CA GLU A 132 4.85 -4.55 -26.57
C GLU A 132 5.02 -3.40 -25.59
N VAL A 133 3.91 -2.88 -25.06
CA VAL A 133 4.00 -1.66 -24.24
C VAL A 133 4.49 -1.96 -22.84
N TYR A 134 3.99 -3.03 -22.22
CA TYR A 134 4.30 -3.31 -20.82
C TYR A 134 5.30 -4.46 -20.65
N LEU A 135 5.06 -5.60 -21.31
CA LEU A 135 5.84 -6.79 -21.00
C LEU A 135 7.25 -6.70 -21.54
N LYS A 136 7.42 -6.18 -22.76
CA LYS A 136 8.76 -6.09 -23.34
C LYS A 136 9.68 -5.22 -22.49
N PRO A 137 9.33 -3.99 -22.14
CA PRO A 137 10.23 -3.20 -21.28
C PRO A 137 10.47 -3.83 -19.92
N TYR A 138 9.46 -4.48 -19.34
CA TYR A 138 9.62 -5.07 -18.01
C TYR A 138 10.72 -6.13 -18.02
N PHE A 139 10.74 -6.97 -19.06
CA PHE A 139 11.67 -8.09 -19.09
C PHE A 139 12.98 -7.78 -19.82
N LEU A 140 13.01 -6.72 -20.62
CA LEU A 140 14.11 -6.53 -21.56
C LEU A 140 15.48 -6.58 -20.88
N GLU A 141 16.27 -7.60 -21.23
CA GLU A 141 17.65 -7.76 -20.77
C GLU A 141 17.78 -7.61 -19.25
N ALA A 142 16.70 -7.93 -18.53
CA ALA A 142 16.72 -7.89 -17.07
C ALA A 142 16.95 -9.26 -16.45
N TYR A 143 16.81 -10.34 -17.21
CA TYR A 143 16.99 -11.70 -16.71
C TYR A 143 16.27 -11.88 -15.38
N ARG A 144 14.97 -11.58 -15.40
CA ARG A 144 14.15 -11.75 -14.22
C ARG A 144 13.84 -13.22 -13.99
N PRO A 145 14.03 -13.73 -12.78
CA PRO A 145 13.49 -15.06 -12.46
C PRO A 145 12.00 -14.98 -12.17
N ILE A 146 11.25 -15.97 -12.64
CA ILE A 146 9.82 -15.99 -12.41
C ILE A 146 9.37 -17.42 -12.10
N ARG A 147 8.25 -17.51 -11.40
CA ARG A 147 7.66 -18.78 -11.04
C ARG A 147 6.21 -18.85 -11.51
N LYS A 148 5.83 -20.00 -12.03
CA LYS A 148 4.43 -20.32 -12.28
C LYS A 148 3.57 -19.93 -11.11
N GLY A 149 2.49 -19.20 -11.39
CA GLY A 149 1.60 -18.72 -10.37
C GLY A 149 1.91 -17.32 -9.88
N ASP A 150 3.09 -16.78 -10.20
CA ASP A 150 3.42 -15.40 -9.88
C ASP A 150 2.36 -14.45 -10.44
N ILE A 151 1.98 -13.45 -9.66
CA ILE A 151 1.32 -12.26 -10.17
C ILE A 151 2.29 -11.10 -10.04
N PHE A 152 2.49 -10.35 -11.13
CA PHE A 152 3.41 -9.22 -11.10
C PHE A 152 2.77 -7.98 -11.69
N LEU A 153 3.30 -6.84 -11.26
CA LEU A 153 2.76 -5.53 -11.56
C LEU A 153 3.75 -4.77 -12.44
N VAL A 154 3.24 -4.13 -13.48
CA VAL A 154 4.06 -3.32 -14.39
C VAL A 154 3.43 -1.94 -14.49
N ARG A 155 4.26 -0.90 -14.39
CA ARG A 155 3.79 0.48 -14.37
C ARG A 155 4.17 1.21 -15.66
N GLY A 156 3.27 2.07 -16.10
CA GLY A 156 3.52 2.92 -17.25
C GLY A 156 2.22 3.43 -17.84
N GLY A 157 2.34 4.50 -18.61
CA GLY A 157 1.17 5.09 -19.24
C GLY A 157 0.17 5.67 -18.27
N MET A 158 0.65 6.11 -17.10
CA MET A 158 -0.20 6.69 -16.07
C MET A 158 -1.19 5.67 -15.54
N ARG A 159 -0.78 4.41 -15.52
CA ARG A 159 -1.51 3.40 -14.79
C ARG A 159 -0.55 2.26 -14.44
N ALA A 160 -1.12 1.24 -13.79
CA ALA A 160 -0.42 0.01 -13.45
C ALA A 160 -1.28 -1.14 -13.92
N VAL A 161 -0.64 -2.16 -14.48
CA VAL A 161 -1.29 -3.36 -15.01
CA VAL A 161 -1.34 -3.34 -14.96
C VAL A 161 -0.75 -4.56 -14.26
N GLU A 162 -1.55 -5.61 -14.17
CA GLU A 162 -1.11 -6.84 -13.53
C GLU A 162 -1.22 -8.03 -14.49
N PHE A 163 -0.25 -8.93 -14.39
CA PHE A 163 -0.24 -10.17 -15.15
C PHE A 163 -0.01 -11.35 -14.22
N LYS A 164 -0.46 -12.52 -14.65
CA LYS A 164 -0.19 -13.78 -13.97
C LYS A 164 0.66 -14.68 -14.85
N VAL A 165 1.67 -15.30 -14.25
CA VAL A 165 2.46 -16.34 -14.91
C VAL A 165 1.68 -17.64 -14.78
N VAL A 166 1.11 -18.12 -15.89
CA VAL A 166 0.33 -19.35 -15.82
C VAL A 166 1.12 -20.58 -16.23
N GLU A 167 2.24 -20.42 -16.93
CA GLU A 167 3.11 -21.56 -17.18
C GLU A 167 4.51 -21.09 -17.55
N THR A 168 5.49 -21.95 -17.28
CA THR A 168 6.86 -21.72 -17.70
C THR A 168 7.44 -23.02 -18.23
N ASP A 169 8.46 -22.89 -19.08
CA ASP A 169 9.20 -24.01 -19.65
C ASP A 169 10.68 -23.62 -19.68
N PRO A 170 11.54 -24.21 -18.83
CA PRO A 170 11.20 -25.30 -17.90
C PRO A 170 10.26 -24.87 -16.77
N SER A 171 9.67 -25.86 -16.12
CA SER A 171 8.67 -25.68 -15.09
C SER A 171 9.25 -26.09 -13.73
N PRO A 172 8.88 -25.41 -12.63
CA PRO A 172 7.92 -24.30 -12.53
C PRO A 172 8.55 -22.90 -12.44
N TYR A 173 9.85 -22.77 -12.64
CA TYR A 173 10.48 -21.46 -12.65
C TYR A 173 11.58 -21.42 -13.70
N CYS A 174 11.87 -20.21 -14.16
CA CYS A 174 12.89 -19.98 -15.17
C CYS A 174 13.31 -18.52 -15.11
N ILE A 175 14.39 -18.22 -15.84
CA ILE A 175 14.85 -16.86 -16.07
C ILE A 175 14.28 -16.42 -17.42
N VAL A 176 13.69 -15.24 -17.46
CA VAL A 176 13.17 -14.71 -18.72
C VAL A 176 14.33 -14.01 -19.43
N ALA A 177 14.87 -14.65 -20.45
CA ALA A 177 16.06 -14.23 -21.17
C ALA A 177 15.72 -13.67 -22.54
N PRO A 178 16.68 -13.07 -23.23
CA PRO A 178 16.37 -12.53 -24.57
C PRO A 178 15.78 -13.56 -25.51
N ASP A 179 16.15 -14.83 -25.39
CA ASP A 179 15.62 -15.85 -26.28
C ASP A 179 14.25 -16.37 -25.84
N THR A 180 13.78 -16.03 -24.64
CA THR A 180 12.53 -16.59 -24.15
C THR A 180 11.34 -16.07 -24.93
N VAL A 181 10.48 -16.98 -25.37
CA VAL A 181 9.25 -16.60 -26.07
C VAL A 181 8.16 -16.39 -25.04
N ILE A 182 7.44 -15.27 -25.17
CA ILE A 182 6.38 -14.91 -24.23
C ILE A 182 5.04 -15.01 -24.95
N HIS A 183 4.19 -15.89 -24.44
CA HIS A 183 2.85 -16.11 -24.97
C HIS A 183 1.83 -15.39 -24.10
N CYS A 184 0.87 -14.72 -24.74
CA CYS A 184 -0.12 -13.93 -24.00
C CYS A 184 -1.55 -14.22 -24.43
N GLU A 185 -1.79 -15.31 -25.13
CA GLU A 185 -3.12 -15.60 -25.67
C GLU A 185 -3.96 -16.35 -24.64
N GLY A 186 -5.22 -15.93 -24.48
CA GLY A 186 -6.18 -16.68 -23.71
C GLY A 186 -7.13 -15.79 -22.93
N GLU A 187 -7.91 -16.43 -22.08
CA GLU A 187 -8.93 -15.73 -21.29
C GLU A 187 -8.28 -14.95 -20.15
N PRO A 188 -8.53 -13.65 -20.03
CA PRO A 188 -7.91 -12.88 -18.94
C PRO A 188 -8.25 -13.48 -17.58
N ILE A 189 -7.36 -13.24 -16.63
CA ILE A 189 -7.53 -13.71 -15.26
C ILE A 189 -8.50 -12.81 -14.53
N LYS A 190 -9.32 -13.40 -13.67
CA LYS A 190 -10.31 -12.65 -12.89
C LYS A 190 -9.67 -12.16 -11.61
N ARG A 191 -9.68 -10.84 -11.39
CA ARG A 191 -8.98 -10.29 -10.24
C ARG A 191 -9.51 -10.87 -8.94
N GLU A 192 -10.77 -11.26 -8.90
CA GLU A 192 -11.37 -11.82 -7.69
C GLU A 192 -10.84 -13.23 -7.40
N ASP A 193 -10.29 -13.92 -8.39
CA ASP A 193 -9.77 -15.26 -8.15
C ASP A 193 -8.34 -15.26 -7.64
N GLU A 194 -7.72 -14.09 -7.47
CA GLU A 194 -6.30 -14.00 -7.16
C GLU A 194 -6.07 -13.04 -6.01
N GLU A 195 -4.91 -13.19 -5.37
CA GLU A 195 -4.48 -12.35 -4.25
C GLU A 195 -3.41 -11.40 -4.78
N GLU A 196 -3.77 -10.12 -4.90
CA GLU A 196 -2.86 -9.13 -5.47
C GLU A 196 -3.27 -7.76 -4.95
N SER A 197 -2.41 -6.78 -5.22
CA SER A 197 -2.48 -5.50 -4.53
C SER A 197 -2.80 -4.35 -5.46
N TRP A 198 -3.18 -4.62 -6.70
CA TRP A 198 -3.50 -3.54 -7.62
C TRP A 198 -4.54 -2.60 -7.00
N ASN A 199 -4.21 -1.32 -6.98
CA ASN A 199 -5.09 -0.25 -6.52
C ASN A 199 -5.44 -0.37 -5.04
N GLU A 200 -4.66 -1.14 -4.29
CA GLU A 200 -4.79 -1.20 -2.84
C GLU A 200 -3.63 -0.42 -2.25
N VAL A 201 -3.94 0.48 -1.33
CA VAL A 201 -2.94 1.33 -0.69
CA VAL A 201 -2.90 1.32 -0.73
C VAL A 201 -2.16 0.51 0.32
N GLY A 202 -0.86 0.73 0.38
CA GLY A 202 0.00 0.09 1.35
C GLY A 202 0.96 1.12 1.94
N TYR A 203 1.88 0.69 2.81
CA TYR A 203 2.85 1.62 3.35
C TYR A 203 3.77 2.18 2.26
N ASP A 204 3.94 1.46 1.14
CA ASP A 204 4.76 1.98 0.04
C ASP A 204 4.10 3.15 -0.67
N ASP A 205 2.83 3.43 -0.37
CA ASP A 205 2.12 4.57 -0.93
C ASP A 205 2.14 5.79 -0.02
N ILE A 206 2.90 5.73 1.07
CA ILE A 206 2.91 6.79 2.08
C ILE A 206 4.32 7.35 2.20
N GLY A 207 4.46 8.66 2.03
CA GLY A 207 5.74 9.33 2.11
C GLY A 207 5.84 10.28 3.30
N GLY A 208 7.03 10.42 3.85
CA GLY A 208 7.30 11.53 4.76
C GLY A 208 6.61 11.51 6.10
N CYS A 209 6.30 10.33 6.63
CA CYS A 209 5.93 10.25 8.04
C CYS A 209 6.31 8.86 8.58
N ARG A 210 7.58 8.53 8.42
CA ARG A 210 8.10 7.23 8.84
C ARG A 210 7.87 7.00 10.32
N LYS A 211 8.15 7.99 11.18
CA LYS A 211 8.09 7.75 12.62
C LYS A 211 6.66 7.58 13.09
N GLN A 212 5.73 8.37 12.57
CA GLN A 212 4.34 8.23 12.98
C GLN A 212 3.78 6.87 12.54
N LEU A 213 4.12 6.45 11.34
CA LEU A 213 3.66 5.14 10.86
C LEU A 213 4.25 4.01 11.69
N ALA A 214 5.52 4.15 12.10
CA ALA A 214 6.11 3.12 12.96
C ALA A 214 5.37 3.02 14.28
N GLN A 215 4.98 4.16 14.87
CA GLN A 215 4.22 4.14 16.11
C GLN A 215 2.89 3.41 15.93
N ILE A 216 2.19 3.71 14.83
CA ILE A 216 0.86 3.12 14.61
C ILE A 216 1.00 1.63 14.35
N LYS A 217 2.02 1.24 13.59
CA LYS A 217 2.25 -0.18 13.36
C LYS A 217 2.41 -0.95 14.67
N GLU A 218 3.22 -0.40 15.59
CA GLU A 218 3.43 -1.05 16.88
CA GLU A 218 3.42 -1.11 16.84
C GLU A 218 2.13 -1.16 17.66
N MET A 219 1.30 -0.11 17.58
CA MET A 219 0.07 -0.07 18.37
C MET A 219 -0.89 -1.16 17.95
N VAL A 220 -0.97 -1.45 16.65
CA VAL A 220 -1.96 -2.39 16.16
C VAL A 220 -1.42 -3.80 15.95
N GLU A 221 -0.09 -4.00 16.06
CA GLU A 221 0.49 -5.28 15.71
CA GLU A 221 0.49 -5.28 15.71
C GLU A 221 -0.21 -6.43 16.41
N LEU A 222 -0.25 -6.39 17.76
CA LEU A 222 -0.78 -7.55 18.49
C LEU A 222 -2.27 -7.71 18.32
N PRO A 223 -3.10 -6.67 18.47
CA PRO A 223 -4.56 -6.88 18.35
C PRO A 223 -5.01 -7.29 16.95
N LEU A 224 -4.36 -6.80 15.90
CA LEU A 224 -4.77 -7.13 14.54
C LEU A 224 -4.06 -8.34 13.97
N ARG A 225 -2.83 -8.61 14.38
CA ARG A 225 -2.07 -9.73 13.82
C ARG A 225 -2.04 -10.95 14.72
N HIS A 226 -2.21 -10.77 16.04
CA HIS A 226 -2.15 -11.88 17.00
C HIS A 226 -3.34 -11.80 17.95
N PRO A 227 -4.56 -11.73 17.41
CA PRO A 227 -5.73 -11.48 18.26
C PRO A 227 -5.98 -12.54 19.32
N ALA A 228 -5.57 -13.80 19.11
CA ALA A 228 -5.81 -14.82 20.11
C ALA A 228 -5.09 -14.50 21.41
N LEU A 229 -4.01 -13.72 21.33
CA LEU A 229 -3.25 -13.36 22.52
C LEU A 229 -4.15 -12.81 23.62
N PHE A 230 -5.17 -12.06 23.25
CA PHE A 230 -5.93 -11.29 24.23
C PHE A 230 -7.08 -12.06 24.86
N LYS A 231 -7.28 -13.31 24.48
CA LYS A 231 -8.06 -14.20 25.31
C LYS A 231 -7.18 -14.96 26.30
N ALA A 232 -5.87 -14.85 26.16
CA ALA A 232 -4.93 -15.43 27.12
C ALA A 232 -4.55 -14.46 28.24
N ILE A 233 -4.48 -13.17 27.95
CA ILE A 233 -3.91 -12.22 28.91
C ILE A 233 -4.96 -11.16 29.27
N GLY A 234 -4.82 -10.61 30.48
CA GLY A 234 -5.67 -9.56 30.97
C GLY A 234 -5.24 -8.15 30.64
N VAL A 235 -4.13 -8.00 29.92
CA VAL A 235 -3.64 -6.68 29.54
C VAL A 235 -4.51 -6.12 28.42
N LYS A 236 -4.63 -4.79 28.40
CA LYS A 236 -5.52 -4.11 27.47
C LYS A 236 -4.73 -3.42 26.36
N PRO A 237 -5.06 -3.67 25.10
CA PRO A 237 -4.44 -2.95 24.00
C PRO A 237 -5.09 -1.60 23.79
N PRO A 238 -4.49 -0.74 22.97
CA PRO A 238 -5.20 0.48 22.55
C PRO A 238 -6.51 0.11 21.89
N ARG A 239 -7.54 0.91 22.15
CA ARG A 239 -8.85 0.73 21.54
C ARG A 239 -9.14 1.76 20.45
N GLY A 240 -8.68 2.99 20.64
CA GLY A 240 -8.94 4.06 19.72
C GLY A 240 -7.71 4.90 19.48
N ILE A 241 -7.46 5.24 18.21
CA ILE A 241 -6.30 6.01 17.80
C ILE A 241 -6.80 7.23 17.06
N LEU A 242 -6.51 8.41 17.61
CA LEU A 242 -6.83 9.66 16.94
C LEU A 242 -5.66 10.11 16.10
N LEU A 243 -5.92 10.45 14.85
CA LEU A 243 -4.92 11.00 13.93
C LEU A 243 -5.27 12.47 13.71
N TYR A 244 -4.35 13.37 14.04
CA TYR A 244 -4.51 14.82 13.94
CA TYR A 244 -4.65 14.77 13.78
C TYR A 244 -3.60 15.40 12.87
N GLY A 245 -4.10 16.37 12.11
CA GLY A 245 -3.31 17.03 11.10
C GLY A 245 -4.17 17.77 10.11
N PRO A 246 -3.57 18.71 9.38
CA PRO A 246 -4.33 19.51 8.43
C PRO A 246 -4.97 18.62 7.37
N PRO A 247 -5.97 19.13 6.64
CA PRO A 247 -6.55 18.34 5.55
C PRO A 247 -5.49 17.94 4.53
N GLY A 248 -5.56 16.70 4.08
CA GLY A 248 -4.71 16.23 3.00
C GLY A 248 -3.36 15.71 3.40
N THR A 249 -3.14 15.38 4.68
CA THR A 249 -1.84 14.89 5.11
C THR A 249 -1.74 13.37 5.11
N GLY A 250 -2.78 12.67 4.65
CA GLY A 250 -2.72 11.24 4.50
C GLY A 250 -3.33 10.43 5.62
N LYS A 251 -4.22 11.03 6.42
CA LYS A 251 -4.80 10.33 7.56
C LYS A 251 -5.66 9.17 7.10
N THR A 252 -6.51 9.39 6.09
CA THR A 252 -7.27 8.29 5.52
C THR A 252 -6.35 7.24 4.88
N LEU A 253 -5.37 7.70 4.11
CA LEU A 253 -4.39 6.83 3.50
C LEU A 253 -3.72 5.92 4.53
N ILE A 254 -3.29 6.49 5.65
CA ILE A 254 -2.63 5.71 6.69
C ILE A 254 -3.57 4.62 7.20
N ALA A 255 -4.81 4.99 7.53
CA ALA A 255 -5.76 4.03 8.08
C ALA A 255 -6.00 2.90 7.09
N ARG A 256 -6.24 3.23 5.83
CA ARG A 256 -6.45 2.20 4.82
C ARG A 256 -5.23 1.29 4.70
N ALA A 257 -4.04 1.88 4.70
CA ALA A 257 -2.81 1.12 4.50
C ALA A 257 -2.58 0.16 5.65
N VAL A 258 -2.88 0.59 6.88
CA VAL A 258 -2.70 -0.29 8.02
C VAL A 258 -3.65 -1.48 7.93
N ALA A 259 -4.90 -1.24 7.57
CA ALA A 259 -5.84 -2.34 7.37
C ALA A 259 -5.30 -3.33 6.32
N ASN A 260 -4.88 -2.80 5.16
CA ASN A 260 -4.42 -3.69 4.08
C ASN A 260 -3.17 -4.47 4.49
N GLU A 261 -2.22 -3.81 5.12
CA GLU A 261 -0.97 -4.47 5.44
C GLU A 261 -1.11 -5.47 6.59
N THR A 262 -2.13 -5.33 7.44
CA THR A 262 -2.37 -6.27 8.52
C THR A 262 -3.42 -7.32 8.16
N GLY A 263 -4.07 -7.18 7.02
CA GLY A 263 -5.17 -8.07 6.69
C GLY A 263 -6.44 -7.84 7.47
N ALA A 264 -6.61 -6.66 8.06
CA ALA A 264 -7.82 -6.38 8.82
C ALA A 264 -8.93 -5.90 7.90
N PHE A 265 -10.16 -6.27 8.25
CA PHE A 265 -11.35 -5.67 7.68
C PHE A 265 -11.32 -4.16 7.91
N PHE A 266 -11.79 -3.41 6.93
CA PHE A 266 -11.77 -1.96 6.98
C PHE A 266 -13.18 -1.44 6.74
N PHE A 267 -13.67 -0.64 7.69
CA PHE A 267 -14.99 -0.03 7.57
C PHE A 267 -14.85 1.47 7.73
N LEU A 268 -15.21 2.22 6.71
CA LEU A 268 -15.09 3.67 6.73
C LEU A 268 -16.42 4.30 7.13
N ILE A 269 -16.37 5.15 8.13
CA ILE A 269 -17.47 6.02 8.52
C ILE A 269 -17.07 7.43 8.13
N ASN A 270 -17.83 8.06 7.26
CA ASN A 270 -17.56 9.45 6.92
C ASN A 270 -18.52 10.37 7.67
N GLY A 271 -17.96 11.36 8.37
CA GLY A 271 -18.72 12.23 9.22
C GLY A 271 -19.90 12.89 8.55
N PRO A 272 -19.64 13.67 7.48
CA PRO A 272 -20.77 14.30 6.78
C PRO A 272 -21.80 13.31 6.29
N GLU A 273 -21.39 12.11 5.86
CA GLU A 273 -22.38 11.17 5.37
C GLU A 273 -23.32 10.73 6.50
N ILE A 274 -22.77 10.51 7.69
CA ILE A 274 -23.62 10.19 8.84
C ILE A 274 -24.56 11.34 9.13
N MET A 275 -24.05 12.57 9.11
CA MET A 275 -24.84 13.73 9.51
C MET A 275 -25.80 14.19 8.42
N SER A 276 -25.71 13.64 7.22
CA SER A 276 -26.71 13.92 6.19
C SER A 276 -28.00 13.14 6.41
N LYS A 277 -28.00 12.18 7.33
CA LYS A 277 -29.15 11.33 7.52
C LYS A 277 -30.19 11.98 8.42
N LEU A 278 -31.42 11.47 8.36
CA LEU A 278 -32.48 11.96 9.22
C LEU A 278 -32.18 11.62 10.67
N ALA A 279 -32.98 12.21 11.57
CA ALA A 279 -32.87 11.89 12.98
C ALA A 279 -33.15 10.40 13.20
N GLY A 280 -32.23 9.74 13.89
CA GLY A 280 -32.37 8.33 14.17
C GLY A 280 -31.59 7.45 13.21
N GLU A 281 -31.62 7.81 11.93
CA GLU A 281 -30.86 7.07 10.93
C GLU A 281 -29.36 7.27 11.13
N SER A 282 -28.95 8.47 11.55
CA SER A 282 -27.53 8.67 11.86
C SER A 282 -27.07 7.67 12.92
N GLU A 283 -27.86 7.51 13.99
CA GLU A 283 -27.45 6.64 15.09
C GLU A 283 -27.49 5.17 14.68
N SER A 284 -28.51 4.76 13.93
CA SER A 284 -28.55 3.40 13.43
C SER A 284 -27.33 3.09 12.58
N ASN A 285 -26.92 4.05 11.73
CA ASN A 285 -25.80 3.81 10.83
C ASN A 285 -24.48 3.70 11.60
N LEU A 286 -24.32 4.50 12.67
CA LEU A 286 -23.14 4.34 13.51
C LEU A 286 -23.12 2.97 14.16
N ARG A 287 -24.24 2.56 14.77
CA ARG A 287 -24.32 1.25 15.41
C ARG A 287 -24.06 0.14 14.41
N LYS A 288 -24.65 0.24 13.21
CA LYS A 288 -24.46 -0.78 12.18
C LYS A 288 -23.00 -0.91 11.80
N ALA A 289 -22.27 0.21 11.75
CA ALA A 289 -20.86 0.17 11.40
C ALA A 289 -20.07 -0.64 12.42
N PHE A 290 -20.31 -0.40 13.71
CA PHE A 290 -19.58 -1.12 14.74
C PHE A 290 -19.94 -2.61 14.75
N GLU A 291 -21.19 -2.95 14.46
CA GLU A 291 -21.57 -4.35 14.44
C GLU A 291 -20.91 -5.08 13.27
N GLU A 292 -20.89 -4.45 12.09
CA GLU A 292 -20.25 -5.08 10.93
CA GLU A 292 -20.26 -5.08 10.93
C GLU A 292 -18.76 -5.27 11.16
N ALA A 293 -18.11 -4.28 11.77
CA ALA A 293 -16.69 -4.42 12.09
C ALA A 293 -16.46 -5.57 13.05
N GLU A 294 -17.26 -5.64 14.12
CA GLU A 294 -17.11 -6.74 15.07
C GLU A 294 -17.33 -8.09 14.39
N LYS A 295 -18.32 -8.18 13.51
CA LYS A 295 -18.61 -9.46 12.86
C LYS A 295 -17.47 -9.91 11.96
N ASN A 296 -16.65 -8.99 11.45
CA ASN A 296 -15.56 -9.31 10.55
C ASN A 296 -14.18 -9.13 11.19
N ALA A 297 -14.12 -8.98 12.51
CA ALA A 297 -12.86 -8.70 13.18
C ALA A 297 -11.86 -9.81 12.92
N PRO A 298 -10.54 -9.52 12.97
CA PRO A 298 -9.89 -8.23 13.25
C PRO A 298 -10.28 -7.14 12.26
N ALA A 299 -10.53 -5.94 12.76
CA ALA A 299 -11.08 -4.88 11.93
C ALA A 299 -10.58 -3.53 12.41
N ILE A 300 -10.52 -2.59 11.46
CA ILE A 300 -10.30 -1.18 11.76
C ILE A 300 -11.54 -0.42 11.30
N ILE A 301 -12.13 0.35 12.21
CA ILE A 301 -13.13 1.35 11.85
C ILE A 301 -12.40 2.69 11.72
N PHE A 302 -12.55 3.35 10.57
CA PHE A 302 -11.97 4.68 10.39
C PHE A 302 -13.09 5.70 10.30
N ILE A 303 -13.08 6.67 11.22
CA ILE A 303 -14.04 7.76 11.20
C ILE A 303 -13.33 8.98 10.60
N ASP A 304 -13.65 9.27 9.34
CA ASP A 304 -13.16 10.45 8.63
C ASP A 304 -13.98 11.67 9.06
N GLU A 305 -13.31 12.81 9.19
CA GLU A 305 -13.94 14.06 9.59
C GLU A 305 -14.77 13.87 10.87
N LEU A 306 -14.09 13.38 11.90
CA LEU A 306 -14.73 13.06 13.17
C LEU A 306 -15.46 14.27 13.75
N ASP A 307 -14.92 15.47 13.56
CA ASP A 307 -15.50 16.67 14.15
C ASP A 307 -16.87 17.00 13.57
N ALA A 308 -17.23 16.44 12.41
CA ALA A 308 -18.59 16.62 11.90
C ALA A 308 -19.59 15.91 12.79
N ILE A 309 -19.16 14.85 13.46
CA ILE A 309 -20.03 14.05 14.30
C ILE A 309 -19.91 14.45 15.77
N ALA A 310 -18.71 14.84 16.22
CA ALA A 310 -18.40 14.90 17.65
C ALA A 310 -17.70 16.21 18.01
N PRO A 311 -18.30 17.35 17.72
CA PRO A 311 -17.76 18.62 18.21
C PRO A 311 -17.97 18.73 19.72
N LYS A 312 -17.29 19.71 20.32
CA LYS A 312 -17.50 19.99 21.74
C LYS A 312 -18.93 20.46 21.96
N ARG A 313 -19.45 20.20 23.16
CA ARG A 313 -20.81 20.59 23.50
C ARG A 313 -21.04 22.08 23.28
N GLU A 314 -19.98 22.90 23.35
CA GLU A 314 -20.11 24.31 23.03
C GLU A 314 -20.65 24.51 21.62
N LYS A 315 -20.07 23.79 20.66
CA LYS A 315 -20.34 24.01 19.24
C LYS A 315 -21.51 23.19 18.73
N THR A 316 -22.29 22.55 19.61
CA THR A 316 -23.50 21.86 19.21
C THR A 316 -24.69 22.79 19.42
N HIS A 317 -25.51 22.95 18.39
CA HIS A 317 -26.69 23.79 18.48
C HIS A 317 -27.94 22.97 18.18
N GLY A 318 -28.04 21.80 18.82
CA GLY A 318 -29.18 20.94 18.62
C GLY A 318 -29.12 19.68 19.45
N GLU A 319 -30.29 19.19 19.89
CA GLU A 319 -30.35 17.96 20.66
C GLU A 319 -30.14 16.72 19.81
N VAL A 320 -30.41 16.79 18.50
CA VAL A 320 -30.09 15.65 17.65
C VAL A 320 -28.58 15.53 17.51
N GLU A 321 -27.86 16.65 17.45
CA GLU A 321 -26.40 16.58 17.37
C GLU A 321 -25.80 16.03 18.67
N ARG A 322 -26.36 16.41 19.83
CA ARG A 322 -25.84 15.88 21.08
C ARG A 322 -26.14 14.39 21.22
N ARG A 323 -27.30 13.95 20.73
CA ARG A 323 -27.64 12.53 20.74
C ARG A 323 -26.64 11.72 19.93
N ILE A 324 -26.19 12.27 18.80
CA ILE A 324 -25.28 11.54 17.93
C ILE A 324 -23.90 11.42 18.57
N VAL A 325 -23.39 12.49 19.19
CA VAL A 325 -22.12 12.38 19.91
C VAL A 325 -22.25 11.35 21.03
N SER A 326 -23.33 11.40 21.80
CA SER A 326 -23.52 10.45 22.88
C SER A 326 -23.55 9.02 22.37
N GLN A 327 -24.15 8.80 21.20
CA GLN A 327 -24.17 7.47 20.60
C GLN A 327 -22.76 6.98 20.29
N LEU A 328 -21.90 7.87 19.80
CA LEU A 328 -20.53 7.48 19.49
C LEU A 328 -19.76 7.14 20.75
N LEU A 329 -19.93 7.94 21.80
CA LEU A 329 -19.30 7.65 23.09
C LEU A 329 -19.73 6.28 23.60
N THR A 330 -21.02 5.99 23.52
CA THR A 330 -21.50 4.70 24.01
C THR A 330 -20.93 3.55 23.18
N LEU A 331 -20.80 3.74 21.86
CA LEU A 331 -20.27 2.68 21.01
C LEU A 331 -18.79 2.45 21.30
N MET A 332 -18.01 3.51 21.52
CA MET A 332 -16.63 3.33 21.94
C MET A 332 -16.54 2.54 23.23
N ASP A 333 -17.44 2.82 24.18
CA ASP A 333 -17.42 2.11 25.45
C ASP A 333 -17.72 0.63 25.26
N GLY A 334 -18.61 0.30 24.33
CA GLY A 334 -18.88 -1.09 24.03
C GLY A 334 -17.75 -1.80 23.33
N LEU A 335 -16.75 -1.05 22.87
CA LEU A 335 -15.74 -1.62 22.01
C LEU A 335 -14.87 -2.65 22.71
N LYS A 336 -14.75 -2.59 24.03
CA LYS A 336 -14.00 -3.61 24.74
CA LYS A 336 -14.00 -3.61 24.74
C LYS A 336 -14.65 -4.98 24.60
N GLN A 337 -15.99 -5.00 24.55
CA GLN A 337 -16.73 -6.24 24.32
C GLN A 337 -16.65 -6.72 22.88
N ARG A 338 -16.07 -5.93 21.98
CA ARG A 338 -15.94 -6.30 20.57
C ARG A 338 -14.47 -6.62 20.30
N ALA A 339 -14.15 -7.91 20.24
CA ALA A 339 -12.76 -8.34 20.25
C ALA A 339 -12.05 -8.03 18.94
N HIS A 340 -10.86 -7.42 19.05
CA HIS A 340 -9.95 -7.21 17.93
C HIS A 340 -10.45 -6.14 16.98
N VAL A 341 -11.16 -5.15 17.51
CA VAL A 341 -11.63 -4.01 16.74
C VAL A 341 -10.89 -2.77 17.21
N ILE A 342 -10.22 -2.09 16.29
CA ILE A 342 -9.54 -0.83 16.55
C ILE A 342 -10.28 0.26 15.81
N VAL A 343 -10.53 1.38 16.49
CA VAL A 343 -11.14 2.55 15.87
C VAL A 343 -10.05 3.60 15.68
N MET A 344 -9.82 3.99 14.43
CA MET A 344 -9.00 5.13 14.12
C MET A 344 -9.92 6.26 13.66
N ALA A 345 -9.59 7.48 14.04
CA ALA A 345 -10.40 8.65 13.68
C ALA A 345 -9.48 9.79 13.32
N ALA A 346 -9.96 10.67 12.46
CA ALA A 346 -9.15 11.77 11.97
C ALA A 346 -9.88 13.09 12.16
N THR A 347 -9.13 14.10 12.59
CA THR A 347 -9.65 15.45 12.62
C THR A 347 -8.51 16.41 12.36
N ASN A 348 -8.85 17.53 11.72
CA ASN A 348 -7.94 18.66 11.57
C ASN A 348 -8.26 19.78 12.55
N ARG A 349 -9.21 19.56 13.45
CA ARG A 349 -9.51 20.50 14.54
C ARG A 349 -9.56 19.72 15.85
N PRO A 350 -8.39 19.26 16.32
CA PRO A 350 -8.37 18.44 17.55
C PRO A 350 -8.90 19.15 18.80
N ASN A 351 -8.69 20.46 18.93
CA ASN A 351 -9.32 21.18 20.03
C ASN A 351 -10.80 21.40 19.80
N SER A 352 -11.34 20.90 18.69
CA SER A 352 -12.75 21.05 18.36
C SER A 352 -13.60 19.85 18.77
N ILE A 353 -13.00 18.66 18.91
CA ILE A 353 -13.80 17.48 19.19
C ILE A 353 -14.12 17.41 20.68
N ASP A 354 -15.17 16.65 21.01
CA ASP A 354 -15.64 16.52 22.37
C ASP A 354 -14.58 15.86 23.25
N PRO A 355 -14.12 16.53 24.32
CA PRO A 355 -13.02 15.94 25.11
C PRO A 355 -13.37 14.61 25.75
N ALA A 356 -14.65 14.29 25.94
CA ALA A 356 -15.01 12.98 26.46
C ALA A 356 -14.56 11.85 25.55
N LEU A 357 -14.17 12.17 24.31
CA LEU A 357 -13.67 11.14 23.41
C LEU A 357 -12.27 10.66 23.80
N ARG A 358 -11.55 11.43 24.59
CA ARG A 358 -10.19 11.05 24.96
C ARG A 358 -10.13 10.25 26.26
N ARG A 359 -11.28 9.91 26.85
CA ARG A 359 -11.26 9.20 28.12
C ARG A 359 -10.62 7.82 27.93
N PHE A 360 -10.03 7.32 29.02
CA PHE A 360 -9.52 5.96 29.10
C PHE A 360 -10.53 4.98 28.52
N GLY A 361 -10.08 4.19 27.55
CA GLY A 361 -10.93 3.20 26.93
C GLY A 361 -11.69 3.68 25.71
N ARG A 362 -11.58 4.96 25.34
CA ARG A 362 -12.12 5.48 24.10
C ARG A 362 -10.96 5.74 23.15
N PHE A 363 -10.69 6.99 22.84
CA PHE A 363 -9.52 7.33 22.02
C PHE A 363 -8.33 7.53 22.95
N ASP A 364 -7.62 6.43 23.20
CA ASP A 364 -6.56 6.37 24.18
C ASP A 364 -5.21 6.80 23.64
N ARG A 365 -5.07 6.90 22.33
CA ARG A 365 -3.81 7.26 21.70
CA ARG A 365 -3.81 7.27 21.71
C ARG A 365 -4.06 8.39 20.70
N GLU A 366 -3.07 9.26 20.54
CA GLU A 366 -3.13 10.35 19.58
C GLU A 366 -1.83 10.41 18.80
N VAL A 367 -1.93 10.62 17.49
CA VAL A 367 -0.75 10.73 16.64
C VAL A 367 -0.86 11.98 15.76
N ASP A 368 0.18 12.81 15.78
CA ASP A 368 0.22 14.04 14.98
CA ASP A 368 0.23 14.04 14.99
C ASP A 368 0.79 13.71 13.61
N ILE A 369 -0.05 13.75 12.59
CA ILE A 369 0.36 13.61 11.20
C ILE A 369 0.51 15.04 10.68
N GLY A 370 1.74 15.56 10.73
CA GLY A 370 2.01 16.95 10.40
C GLY A 370 2.20 17.18 8.93
N ILE A 371 2.80 18.31 8.59
CA ILE A 371 3.13 18.60 7.20
C ILE A 371 4.51 18.04 6.91
N PRO A 372 4.76 17.50 5.72
CA PRO A 372 6.06 16.88 5.43
C PRO A 372 7.15 17.92 5.26
N ASP A 373 8.39 17.47 5.43
CA ASP A 373 9.54 18.32 5.15
C ASP A 373 9.99 18.06 3.71
N ALA A 374 11.10 18.68 3.30
CA ALA A 374 11.53 18.58 1.92
C ALA A 374 11.78 17.13 1.50
N THR A 375 12.43 16.35 2.36
CA THR A 375 12.68 14.94 2.06
C THR A 375 11.37 14.17 1.94
N GLY A 376 10.42 14.45 2.84
CA GLY A 376 9.13 13.80 2.74
C GLY A 376 8.37 14.18 1.48
N ARG A 377 8.48 15.45 1.08
CA ARG A 377 7.81 15.89 -0.13
C ARG A 377 8.38 15.19 -1.37
N LEU A 378 9.70 14.98 -1.39
CA LEU A 378 10.30 14.23 -2.50
C LEU A 378 9.75 12.82 -2.57
N GLU A 379 9.67 12.14 -1.43
CA GLU A 379 9.11 10.79 -1.41
CA GLU A 379 9.10 10.80 -1.40
C GLU A 379 7.68 10.79 -1.94
N ILE A 380 6.88 11.77 -1.53
CA ILE A 380 5.50 11.86 -1.99
C ILE A 380 5.45 12.09 -3.49
N LEU A 381 6.32 12.96 -4.01
CA LEU A 381 6.38 13.19 -5.44
C LEU A 381 6.77 11.93 -6.19
N GLN A 382 7.71 11.17 -5.65
CA GLN A 382 8.11 9.91 -6.28
C GLN A 382 6.96 8.93 -6.29
N ILE A 383 6.19 8.88 -5.21
CA ILE A 383 5.03 7.98 -5.13
C ILE A 383 4.00 8.34 -6.19
N HIS A 384 3.71 9.62 -6.38
CA HIS A 384 2.64 10.02 -7.26
C HIS A 384 3.09 10.20 -8.70
N THR A 385 4.34 9.88 -9.03
CA THR A 385 4.77 9.83 -10.41
C THR A 385 5.21 8.43 -10.84
N LYS A 386 5.03 7.41 -9.99
CA LYS A 386 5.62 6.11 -10.27
C LYS A 386 5.01 5.43 -11.49
N ASN A 387 3.81 5.82 -11.91
CA ASN A 387 3.19 5.28 -13.11
C ASN A 387 3.41 6.16 -14.33
N MET A 388 4.11 7.27 -14.18
CA MET A 388 4.32 8.20 -15.27
C MET A 388 5.68 8.02 -15.91
N LYS A 389 5.77 8.37 -17.20
CA LYS A 389 7.04 8.55 -17.87
C LYS A 389 7.50 9.99 -17.68
N LEU A 390 8.61 10.17 -16.97
CA LEU A 390 9.14 11.49 -16.70
C LEU A 390 10.34 11.74 -17.60
N ALA A 391 10.39 12.90 -18.24
CA ALA A 391 11.52 13.24 -19.08
C ALA A 391 12.78 13.41 -18.25
N ASP A 392 13.93 13.32 -18.93
CA ASP A 392 15.21 13.44 -18.26
C ASP A 392 15.33 14.75 -17.50
N ASP A 393 14.69 15.82 -18.00
CA ASP A 393 14.85 17.13 -17.37
C ASP A 393 13.96 17.33 -16.14
N VAL A 394 13.12 16.36 -15.78
CA VAL A 394 12.32 16.51 -14.56
C VAL A 394 13.23 16.41 -13.35
N ASP A 395 13.15 17.42 -12.49
CA ASP A 395 13.98 17.53 -11.29
C ASP A 395 13.01 17.51 -10.11
N LEU A 396 12.62 16.31 -9.65
CA LEU A 396 11.67 16.21 -8.56
C LEU A 396 12.25 16.80 -7.26
N GLU A 397 13.57 16.79 -7.10
CA GLU A 397 14.16 17.42 -5.92
CA GLU A 397 14.15 17.41 -5.91
C GLU A 397 13.90 18.91 -5.91
N GLN A 398 14.01 19.56 -7.07
CA GLN A 398 13.70 20.98 -7.16
C GLN A 398 12.23 21.24 -6.81
N VAL A 399 11.32 20.40 -7.32
CA VAL A 399 9.91 20.52 -6.99
C VAL A 399 9.71 20.41 -5.48
N ALA A 400 10.36 19.41 -4.87
CA ALA A 400 10.25 19.24 -3.43
C ALA A 400 10.77 20.46 -2.68
N ASN A 401 11.87 21.03 -3.15
CA ASN A 401 12.49 22.13 -2.40
C ASN A 401 11.60 23.37 -2.41
N GLU A 402 10.88 23.61 -3.50
CA GLU A 402 10.12 24.84 -3.63
C GLU A 402 8.68 24.74 -3.15
N THR A 403 8.25 23.57 -2.68
CA THR A 403 6.87 23.41 -2.23
C THR A 403 6.77 23.45 -0.72
N HIS A 404 7.44 24.40 -0.07
CA HIS A 404 7.35 24.50 1.39
C HIS A 404 5.90 24.63 1.81
N GLY A 405 5.54 23.93 2.89
CA GLY A 405 4.22 24.02 3.45
C GLY A 405 3.17 23.19 2.77
N HIS A 406 3.46 22.62 1.60
CA HIS A 406 2.49 21.78 0.91
C HIS A 406 2.33 20.45 1.65
N VAL A 407 1.13 19.88 1.54
CA VAL A 407 0.84 18.58 2.11
C VAL A 407 0.70 17.56 0.96
N GLY A 408 0.56 16.29 1.33
CA GLY A 408 0.53 15.24 0.32
C GLY A 408 -0.53 15.46 -0.74
N ALA A 409 -1.71 15.92 -0.33
CA ALA A 409 -2.79 16.13 -1.28
C ALA A 409 -2.41 17.21 -2.29
N ASP A 410 -1.72 18.26 -1.84
CA ASP A 410 -1.25 19.30 -2.75
C ASP A 410 -0.29 18.74 -3.79
N LEU A 411 0.63 17.88 -3.35
CA LEU A 411 1.63 17.32 -4.23
C LEU A 411 1.00 16.33 -5.21
N ALA A 412 0.02 15.55 -4.74
CA ALA A 412 -0.69 14.66 -5.64
C ALA A 412 -1.46 15.44 -6.70
N ALA A 413 -2.08 16.54 -6.30
CA ALA A 413 -2.78 17.38 -7.27
C ALA A 413 -1.83 17.99 -8.28
N LEU A 414 -0.65 18.42 -7.81
CA LEU A 414 0.36 18.97 -8.70
C LEU A 414 0.76 17.95 -9.77
N CYS A 415 1.00 16.71 -9.36
CA CYS A 415 1.43 15.69 -10.29
C CYS A 415 0.34 15.40 -11.33
N SER A 416 -0.91 15.32 -10.89
CA SER A 416 -2.01 15.17 -11.83
C SER A 416 -2.07 16.35 -12.80
N GLU A 417 -1.94 17.57 -12.26
CA GLU A 417 -2.03 18.75 -13.11
CA GLU A 417 -2.02 18.77 -13.09
C GLU A 417 -0.92 18.77 -14.15
N ALA A 418 0.30 18.38 -13.76
CA ALA A 418 1.40 18.33 -14.72
C ALA A 418 1.13 17.29 -15.80
N ALA A 419 0.62 16.12 -15.42
CA ALA A 419 0.33 15.08 -16.40
C ALA A 419 -0.76 15.51 -17.35
N LEU A 420 -1.80 16.16 -16.85
CA LEU A 420 -2.89 16.60 -17.73
C LEU A 420 -2.43 17.72 -18.66
N GLN A 421 -1.57 18.61 -18.18
CA GLN A 421 -0.98 19.61 -19.05
C GLN A 421 -0.19 18.93 -20.18
N ALA A 422 0.62 17.92 -19.83
CA ALA A 422 1.37 17.22 -20.86
C ALA A 422 0.42 16.63 -21.90
N ILE A 423 -0.69 16.03 -21.45
CA ILE A 423 -1.66 15.45 -22.38
C ILE A 423 -2.27 16.53 -23.26
N ARG A 424 -2.71 17.64 -22.66
CA ARG A 424 -3.31 18.71 -23.44
C ARG A 424 -2.36 19.19 -24.53
N LYS A 425 -1.06 19.32 -24.21
CA LYS A 425 -0.10 19.77 -25.21
C LYS A 425 0.04 18.78 -26.36
N LYS A 426 -0.23 17.50 -26.13
CA LYS A 426 -0.08 16.50 -27.17
C LYS A 426 -1.39 15.80 -27.51
N MET A 427 -2.53 16.34 -27.06
CA MET A 427 -3.82 16.00 -27.66
C MET A 427 -4.09 16.85 -28.90
N ASP A 428 -3.55 18.08 -28.95
CA ASP A 428 -3.75 18.92 -30.13
C ASP A 428 -3.18 18.28 -31.38
N LEU A 429 -1.91 17.86 -31.33
CA LEU A 429 -1.29 17.28 -32.50
C LEU A 429 -1.83 15.91 -32.87
N ILE A 430 -2.74 15.34 -32.06
CA ILE A 430 -3.40 14.08 -32.39
C ILE A 430 -4.91 14.27 -32.51
N ASP A 431 -5.52 14.93 -31.54
CA ASP A 431 -6.97 14.95 -31.40
C ASP A 431 -7.61 13.61 -31.73
N GLU A 435 -12.69 6.28 -28.55
CA GLU A 435 -13.58 5.41 -27.79
C GLU A 435 -12.83 4.78 -26.62
N THR A 436 -11.66 4.22 -26.90
CA THR A 436 -10.76 3.68 -25.90
C THR A 436 -9.35 4.09 -26.25
N ILE A 437 -8.63 4.67 -25.29
CA ILE A 437 -7.32 5.23 -25.59
C ILE A 437 -6.28 4.13 -25.76
N ASP A 438 -5.22 4.45 -26.49
CA ASP A 438 -4.25 3.46 -26.94
C ASP A 438 -3.00 3.46 -26.07
N ALA A 439 -2.56 2.26 -25.69
CA ALA A 439 -1.49 2.14 -24.70
C ALA A 439 -0.17 2.71 -25.19
N GLU A 440 0.13 2.53 -26.48
CA GLU A 440 1.43 3.01 -26.97
C GLU A 440 1.50 4.52 -26.96
N VAL A 441 0.38 5.19 -27.27
CA VAL A 441 0.34 6.65 -27.17
C VAL A 441 0.65 7.08 -25.74
N MET A 442 -0.08 6.52 -24.77
CA MET A 442 0.06 6.96 -23.39
C MET A 442 1.42 6.60 -22.83
N ASN A 443 1.98 5.46 -23.23
CA ASN A 443 3.22 5.04 -22.60
CA ASN A 443 3.24 4.98 -22.66
C ASN A 443 4.44 5.79 -23.14
N SER A 444 4.35 6.38 -24.33
CA SER A 444 5.47 7.13 -24.87
C SER A 444 5.41 8.62 -24.54
N LEU A 445 4.29 9.11 -24.03
CA LEU A 445 4.18 10.51 -23.65
C LEU A 445 4.99 10.75 -22.38
N ALA A 446 5.90 11.71 -22.43
CA ALA A 446 6.70 12.09 -21.27
C ALA A 446 6.16 13.37 -20.67
N VAL A 447 6.05 13.39 -19.34
CA VAL A 447 5.83 14.63 -18.61
C VAL A 447 7.17 15.31 -18.42
N THR A 448 7.25 16.59 -18.76
CA THR A 448 8.51 17.31 -18.76
C THR A 448 8.57 18.30 -17.61
N MET A 449 9.76 18.87 -17.38
CA MET A 449 9.88 19.89 -16.33
C MET A 449 8.98 21.07 -16.65
N ASP A 450 8.85 21.43 -17.93
CA ASP A 450 7.97 22.54 -18.29
CA ASP A 450 7.96 22.52 -18.33
C ASP A 450 6.54 22.27 -17.86
N ASP A 451 6.11 21.01 -17.89
CA ASP A 451 4.76 20.68 -17.45
C ASP A 451 4.62 20.85 -15.95
N PHE A 452 5.64 20.43 -15.18
CA PHE A 452 5.61 20.69 -13.74
C PHE A 452 5.71 22.19 -13.47
N ARG A 453 6.53 22.91 -14.22
CA ARG A 453 6.65 24.35 -14.02
C ARG A 453 5.32 25.05 -14.27
N TRP A 454 4.60 24.64 -15.33
CA TRP A 454 3.27 25.18 -15.57
C TRP A 454 2.36 24.91 -14.37
N ALA A 455 2.34 23.66 -13.89
CA ALA A 455 1.50 23.33 -12.74
C ALA A 455 1.86 24.17 -11.52
N LEU A 456 3.16 24.31 -11.25
CA LEU A 456 3.62 25.08 -10.09
C LEU A 456 3.33 26.57 -10.23
N SER A 457 3.00 27.05 -11.43
CA SER A 457 2.78 28.47 -11.65
C SER A 457 1.31 28.85 -11.65
N GLN A 458 0.39 27.89 -11.54
CA GLN A 458 -1.01 28.20 -11.41
C GLN A 458 -1.31 28.62 -9.97
N SER A 459 -2.30 29.48 -9.81
CA SER A 459 -2.64 30.05 -8.51
C SER A 459 -4.08 29.73 -8.10
N ASN A 460 -4.76 28.84 -8.83
CA ASN A 460 -6.19 28.62 -8.61
C ASN A 460 -6.48 27.37 -7.79
N ARG A 461 -5.53 26.91 -6.98
CA ARG A 461 -5.82 25.87 -6.01
C ARG A 461 -5.42 26.33 -4.61
#